data_2MHW
#
_entry.id   2MHW
#
_entity_poly.entity_id   1
_entity_poly.type   'polypeptide(L)'
_entity_poly.pdbx_seq_one_letter_code
;GIGGVLLSAGKAALKGLAKVLAEKYAN
;
_entity_poly.pdbx_strand_id   A
#
# COMPACT_ATOMS: atom_id res chain seq x y z
N GLY A 1 1.50 13.99 -7.08
CA GLY A 1 0.62 12.81 -6.87
C GLY A 1 0.26 12.12 -8.17
N ILE A 2 0.29 10.80 -8.16
CA ILE A 2 -0.06 10.01 -9.32
C ILE A 2 -1.26 9.14 -9.00
N GLY A 3 -1.01 8.05 -8.29
CA GLY A 3 -2.05 7.16 -7.85
C GLY A 3 -1.48 5.84 -7.42
N GLY A 4 -1.33 4.95 -8.39
CA GLY A 4 -0.86 3.61 -8.11
C GLY A 4 0.64 3.50 -8.18
N VAL A 5 1.32 4.47 -7.59
CA VAL A 5 2.77 4.52 -7.60
C VAL A 5 3.31 4.12 -6.23
N LEU A 6 2.80 4.76 -5.19
CA LEU A 6 3.16 4.50 -3.80
C LEU A 6 2.44 5.49 -2.91
N LEU A 7 2.06 6.59 -3.54
CA LEU A 7 1.41 7.70 -2.86
C LEU A 7 0.03 7.30 -2.32
N SER A 8 -0.95 7.22 -3.21
CA SER A 8 -2.31 6.93 -2.77
C SER A 8 -2.50 5.44 -2.79
N ALA A 9 -1.57 4.81 -3.48
CA ALA A 9 -1.29 3.42 -3.31
C ALA A 9 -0.99 3.15 -1.84
N GLY A 10 -0.44 4.16 -1.17
CA GLY A 10 -0.16 4.07 0.24
C GLY A 10 -1.35 4.47 1.08
N LYS A 11 -2.06 5.49 0.60
CA LYS A 11 -3.30 5.92 1.20
C LYS A 11 -4.29 4.77 1.33
N ALA A 12 -4.26 3.86 0.37
CA ALA A 12 -5.12 2.69 0.43
C ALA A 12 -4.66 1.72 1.51
N ALA A 13 -3.34 1.72 1.76
CA ALA A 13 -2.76 0.85 2.77
C ALA A 13 -3.22 1.26 4.15
N LEU A 14 -3.35 2.59 4.36
CA LEU A 14 -3.88 3.13 5.61
C LEU A 14 -5.11 2.34 6.02
N LYS A 15 -5.92 2.01 5.03
CA LYS A 15 -7.21 1.43 5.26
C LYS A 15 -7.12 -0.10 5.22
N GLY A 16 -6.88 -0.63 4.04
CA GLY A 16 -6.78 -2.07 3.86
C GLY A 16 -5.37 -2.52 3.65
N LEU A 17 -4.81 -1.99 2.58
CA LEU A 17 -3.63 -2.54 1.95
C LEU A 17 -2.41 -2.58 2.86
N ALA A 18 -2.48 -1.98 4.04
CA ALA A 18 -1.39 -2.18 4.97
C ALA A 18 -1.40 -3.63 5.46
N LYS A 19 -2.45 -4.35 5.04
CA LYS A 19 -2.54 -5.76 5.24
C LYS A 19 -1.56 -6.46 4.31
N VAL A 20 -1.67 -6.12 3.02
CA VAL A 20 -0.96 -6.81 1.94
C VAL A 20 0.49 -6.45 2.01
N LEU A 21 0.66 -5.35 2.65
CA LEU A 21 1.93 -4.82 2.99
C LEU A 21 2.88 -5.85 3.56
N ALA A 22 2.48 -6.41 4.69
CA ALA A 22 3.35 -7.30 5.48
C ALA A 22 3.57 -8.61 4.75
N GLU A 23 2.88 -8.72 3.66
CA GLU A 23 2.78 -9.91 2.87
C GLU A 23 3.77 -9.90 1.72
N LYS A 24 3.71 -8.83 0.96
CA LYS A 24 4.50 -8.62 -0.23
C LYS A 24 5.69 -7.73 0.03
N TYR A 25 5.37 -6.57 0.55
CA TYR A 25 6.27 -5.45 0.63
C TYR A 25 7.12 -5.57 1.87
N ALA A 26 6.40 -5.63 3.00
CA ALA A 26 7.03 -5.79 4.30
C ALA A 26 7.62 -7.19 4.41
N ASN A 27 7.14 -8.05 3.54
CA ASN A 27 7.67 -9.41 3.40
C ASN A 27 9.18 -9.41 3.31
N GLY A 1 1.76 10.14 -10.78
CA GLY A 1 1.78 9.00 -9.84
C GLY A 1 1.56 7.67 -10.55
N ILE A 2 1.82 6.58 -9.84
CA ILE A 2 1.64 5.26 -10.38
C ILE A 2 0.39 4.62 -9.78
N GLY A 3 0.52 4.22 -8.53
CA GLY A 3 -0.57 3.63 -7.81
C GLY A 3 -0.07 2.65 -6.76
N GLY A 4 0.24 1.46 -7.23
CA GLY A 4 0.70 0.40 -6.34
C GLY A 4 2.20 0.42 -6.17
N VAL A 5 2.73 1.61 -5.95
CA VAL A 5 4.16 1.82 -5.82
C VAL A 5 4.54 2.09 -4.36
N LEU A 6 3.85 3.05 -3.76
CA LEU A 6 4.06 3.44 -2.36
C LEU A 6 3.13 4.59 -2.05
N LEU A 7 2.73 5.28 -3.12
CA LEU A 7 1.86 6.43 -3.03
C LEU A 7 0.50 6.04 -2.45
N SER A 8 -0.35 5.46 -3.28
CA SER A 8 -1.68 5.11 -2.82
C SER A 8 -1.66 3.68 -2.37
N ALA A 9 -0.60 3.01 -2.77
CA ALA A 9 -0.17 1.78 -2.17
C ALA A 9 0.06 2.02 -0.69
N GLY A 10 0.25 3.29 -0.32
CA GLY A 10 0.36 3.65 1.07
C GLY A 10 -0.97 4.11 1.61
N LYS A 11 -1.58 5.04 0.90
CA LYS A 11 -2.85 5.63 1.28
C LYS A 11 -3.94 4.59 1.48
N ALA A 12 -4.13 3.72 0.51
CA ALA A 12 -5.13 2.69 0.63
C ALA A 12 -4.70 1.68 1.67
N ALA A 13 -3.40 1.62 1.92
CA ALA A 13 -2.85 0.69 2.90
C ALA A 13 -3.28 1.06 4.30
N LEU A 14 -3.29 2.35 4.63
CA LEU A 14 -3.73 2.79 5.96
C LEU A 14 -5.14 2.29 6.20
N LYS A 15 -5.89 2.14 5.11
CA LYS A 15 -7.25 1.71 5.19
C LYS A 15 -7.35 0.20 5.23
N GLY A 16 -7.07 -0.42 4.08
CA GLY A 16 -7.08 -1.86 3.95
C GLY A 16 -5.70 -2.41 3.78
N LEU A 17 -5.10 -1.93 2.69
CA LEU A 17 -3.99 -2.58 2.02
C LEU A 17 -2.75 -2.72 2.86
N ALA A 18 -2.73 -2.22 4.08
CA ALA A 18 -1.62 -2.58 4.94
C ALA A 18 -1.68 -4.08 5.20
N LYS A 19 -2.87 -4.64 4.95
CA LYS A 19 -3.16 -6.05 5.04
C LYS A 19 -2.29 -6.85 4.09
N VAL A 20 -2.07 -6.26 2.92
CA VAL A 20 -1.26 -6.86 1.85
C VAL A 20 0.15 -6.31 1.91
N LEU A 21 0.23 -5.14 2.44
CA LEU A 21 1.46 -4.40 2.60
C LEU A 21 2.58 -5.21 3.19
N ALA A 22 2.40 -5.57 4.45
CA ALA A 22 3.44 -6.25 5.25
C ALA A 22 3.79 -7.60 4.64
N GLU A 23 3.03 -7.93 3.65
CA GLU A 23 3.01 -9.23 3.03
C GLU A 23 3.87 -9.27 1.79
N LYS A 24 3.61 -8.33 0.90
CA LYS A 24 4.27 -8.23 -0.39
C LYS A 24 5.35 -7.18 -0.38
N TYR A 25 4.93 -6.01 0.04
CA TYR A 25 5.69 -4.80 -0.11
C TYR A 25 6.65 -4.66 1.04
N ALA A 26 6.05 -4.65 2.23
CA ALA A 26 6.80 -4.56 3.47
C ALA A 26 7.54 -5.87 3.72
N ASN A 27 7.10 -6.89 3.01
CA ASN A 27 7.72 -8.21 3.02
C ASN A 27 9.25 -8.13 2.89
N GLY A 1 -0.60 13.41 -6.68
CA GLY A 1 0.41 13.14 -7.73
C GLY A 1 -0.15 12.26 -8.81
N ILE A 2 -0.06 10.95 -8.61
CA ILE A 2 -0.61 10.00 -9.55
C ILE A 2 -1.73 9.20 -8.88
N GLY A 3 -1.33 8.18 -8.13
CA GLY A 3 -2.28 7.35 -7.45
C GLY A 3 -1.66 6.01 -7.11
N GLY A 4 -1.70 5.11 -8.08
CA GLY A 4 -1.21 3.76 -7.87
C GLY A 4 0.29 3.66 -8.08
N VAL A 5 1.00 4.62 -7.54
CA VAL A 5 2.44 4.68 -7.69
C VAL A 5 3.14 4.37 -6.36
N LEU A 6 2.73 5.08 -5.32
CA LEU A 6 3.26 4.87 -3.96
C LEU A 6 2.57 5.85 -3.04
N LEU A 7 2.05 6.92 -3.64
CA LEU A 7 1.36 7.96 -2.92
C LEU A 7 0.08 7.42 -2.28
N SER A 8 -0.96 7.29 -3.08
CA SER A 8 -2.25 6.87 -2.55
C SER A 8 -2.35 5.38 -2.64
N ALA A 9 -1.42 4.85 -3.40
CA ALA A 9 -1.04 3.47 -3.32
C ALA A 9 -0.59 3.17 -1.89
N GLY A 10 -0.05 4.20 -1.23
CA GLY A 10 0.36 4.06 0.15
C GLY A 10 -0.77 4.35 1.09
N LYS A 11 -1.52 5.39 0.76
CA LYS A 11 -2.71 5.77 1.49
C LYS A 11 -3.69 4.60 1.58
N ALA A 12 -3.69 3.77 0.56
CA ALA A 12 -4.58 2.61 0.54
C ALA A 12 -4.16 1.58 1.58
N ALA A 13 -2.85 1.43 1.80
CA ALA A 13 -2.36 0.47 2.77
C ALA A 13 -2.69 0.90 4.18
N LEU A 14 -2.69 2.21 4.42
CA LEU A 14 -3.14 2.76 5.70
C LEU A 14 -4.47 2.15 6.07
N LYS A 15 -5.30 1.99 5.06
CA LYS A 15 -6.66 1.58 5.25
C LYS A 15 -6.81 0.07 5.10
N GLY A 16 -6.66 -0.41 3.88
CA GLY A 16 -6.81 -1.81 3.60
C GLY A 16 -5.49 -2.47 3.40
N LEU A 17 -4.79 -1.98 2.37
CA LEU A 17 -3.66 -2.66 1.79
C LEU A 17 -2.49 -2.89 2.71
N ALA A 18 -2.55 -2.46 3.96
CA ALA A 18 -1.56 -2.95 4.89
C ALA A 18 -1.74 -4.47 5.01
N LYS A 19 -2.92 -4.92 4.56
CA LYS A 19 -3.30 -6.32 4.50
C LYS A 19 -2.43 -7.10 3.55
N VAL A 20 -1.99 -6.41 2.50
CA VAL A 20 -1.09 -6.98 1.49
C VAL A 20 0.34 -6.59 1.81
N LEU A 21 0.43 -5.49 2.49
CA LEU A 21 1.67 -4.89 2.89
C LEU A 21 2.62 -5.86 3.57
N ALA A 22 2.20 -6.32 4.73
CA ALA A 22 3.04 -7.17 5.60
C ALA A 22 3.40 -8.48 4.92
N GLU A 23 2.79 -8.65 3.79
CA GLU A 23 2.79 -9.87 3.04
C GLU A 23 3.86 -9.87 1.97
N LYS A 24 3.80 -8.83 1.16
CA LYS A 24 4.69 -8.63 0.03
C LYS A 24 5.81 -7.67 0.37
N TYR A 25 5.38 -6.51 0.83
CA TYR A 25 6.21 -5.36 0.95
C TYR A 25 6.96 -5.40 2.26
N ALA A 26 6.17 -5.43 3.33
CA ALA A 26 6.68 -5.49 4.68
C ALA A 26 7.29 -6.86 4.94
N ASN A 27 6.92 -7.80 4.09
CA ASN A 27 7.48 -9.14 4.08
C ASN A 27 9.00 -9.11 4.22
N GLY A 1 1.93 14.12 -6.52
CA GLY A 1 2.42 12.81 -7.00
C GLY A 1 1.58 12.27 -8.13
N ILE A 2 1.55 10.95 -8.28
CA ILE A 2 0.78 10.31 -9.33
C ILE A 2 -0.51 9.78 -8.75
N GLY A 3 -0.42 8.63 -8.11
CA GLY A 3 -1.55 8.04 -7.45
C GLY A 3 -1.34 6.56 -7.24
N GLY A 4 -1.65 5.78 -8.27
CA GLY A 4 -1.59 4.33 -8.17
C GLY A 4 -0.18 3.81 -8.32
N VAL A 5 0.72 4.44 -7.61
CA VAL A 5 2.12 4.11 -7.68
C VAL A 5 2.63 3.60 -6.33
N LEU A 6 2.47 4.43 -5.31
CA LEU A 6 2.89 4.10 -3.95
C LEU A 6 2.26 5.10 -3.01
N LEU A 7 1.79 6.19 -3.61
CA LEU A 7 1.17 7.27 -2.89
C LEU A 7 -0.21 6.86 -2.38
N SER A 8 -1.15 6.60 -3.28
CA SER A 8 -2.48 6.23 -2.83
C SER A 8 -2.55 4.73 -2.75
N ALA A 9 -1.59 4.13 -3.40
CA ALA A 9 -1.22 2.77 -3.15
C ALA A 9 -0.89 2.61 -1.68
N GLY A 10 -0.37 3.69 -1.08
CA GLY A 10 -0.12 3.70 0.34
C GLY A 10 -1.37 4.08 1.10
N LYS A 11 -2.09 5.07 0.57
CA LYS A 11 -3.34 5.52 1.13
C LYS A 11 -4.33 4.38 1.36
N ALA A 12 -4.37 3.45 0.40
CA ALA A 12 -5.25 2.31 0.52
C ALA A 12 -4.74 1.35 1.60
N ALA A 13 -3.42 1.26 1.74
CA ALA A 13 -2.82 0.37 2.72
C ALA A 13 -3.13 0.83 4.12
N LEU A 14 -3.09 2.14 4.35
CA LEU A 14 -3.41 2.70 5.66
C LEU A 14 -4.76 2.20 6.13
N LYS A 15 -5.62 1.90 5.16
CA LYS A 15 -6.96 1.48 5.46
C LYS A 15 -7.04 -0.04 5.47
N GLY A 16 -6.92 -0.65 4.29
CA GLY A 16 -6.98 -2.08 4.15
C GLY A 16 -5.64 -2.67 3.90
N LEU A 17 -5.07 -2.24 2.77
CA LEU A 17 -3.98 -2.90 2.13
C LEU A 17 -2.70 -2.97 2.94
N ALA A 18 -2.66 -2.44 4.12
CA ALA A 18 -1.54 -2.76 4.96
C ALA A 18 -1.58 -4.27 5.26
N LYS A 19 -2.78 -4.85 5.01
CA LYS A 19 -3.04 -6.26 5.16
C LYS A 19 -2.23 -7.08 4.17
N VAL A 20 -1.98 -6.47 3.03
CA VAL A 20 -1.17 -7.07 1.96
C VAL A 20 0.27 -6.55 2.06
N LEU A 21 0.34 -5.35 2.55
CA LEU A 21 1.56 -4.60 2.70
C LEU A 21 2.69 -5.37 3.35
N ALA A 22 2.50 -5.69 4.62
CA ALA A 22 3.54 -6.31 5.45
C ALA A 22 3.91 -7.69 4.95
N GLU A 23 3.16 -8.08 3.97
CA GLU A 23 3.13 -9.42 3.45
C GLU A 23 4.01 -9.54 2.22
N LYS A 24 3.75 -8.67 1.28
CA LYS A 24 4.42 -8.61 0.00
C LYS A 24 5.49 -7.54 -0.02
N TYR A 25 5.03 -6.34 0.27
CA TYR A 25 5.77 -5.13 0.05
C TYR A 25 6.72 -4.89 1.20
N ALA A 26 6.12 -4.80 2.38
CA ALA A 26 6.86 -4.59 3.60
C ALA A 26 7.64 -5.85 3.95
N ASN A 27 7.22 -6.94 3.33
CA ASN A 27 7.92 -8.22 3.43
C ASN A 27 9.41 -8.06 3.17
N GLY A 1 4.94 12.32 -8.52
CA GLY A 1 3.53 11.95 -8.29
C GLY A 1 3.00 11.06 -9.40
N ILE A 2 2.74 9.80 -9.07
CA ILE A 2 2.25 8.84 -10.05
C ILE A 2 0.75 8.63 -9.88
N GLY A 3 0.38 8.13 -8.71
CA GLY A 3 -1.00 7.86 -8.41
C GLY A 3 -1.30 6.39 -8.28
N GLY A 4 -0.40 5.56 -8.79
CA GLY A 4 -0.54 4.12 -8.69
C GLY A 4 0.80 3.46 -8.54
N VAL A 5 1.43 3.67 -7.40
CA VAL A 5 2.79 3.22 -7.18
C VAL A 5 3.01 2.71 -5.75
N LEU A 6 2.78 3.56 -4.77
CA LEU A 6 3.02 3.22 -3.37
C LEU A 6 2.48 4.34 -2.49
N LEU A 7 2.25 5.47 -3.13
CA LEU A 7 1.83 6.66 -2.45
C LEU A 7 0.36 6.54 -2.04
N SER A 8 -0.52 6.33 -3.01
CA SER A 8 -1.94 6.23 -2.70
C SER A 8 -2.27 4.77 -2.50
N ALA A 9 -1.35 3.96 -2.96
CA ALA A 9 -1.24 2.59 -2.55
C ALA A 9 -1.05 2.57 -1.04
N GLY A 10 -0.38 3.61 -0.54
CA GLY A 10 -0.21 3.76 0.89
C GLY A 10 -1.46 4.33 1.52
N LYS A 11 -2.05 5.28 0.81
CA LYS A 11 -3.33 5.87 1.21
C LYS A 11 -4.38 4.78 1.41
N ALA A 12 -4.33 3.76 0.59
CA ALA A 12 -5.24 2.64 0.73
C ALA A 12 -4.76 1.71 1.83
N ALA A 13 -3.45 1.66 2.04
CA ALA A 13 -2.86 0.77 3.02
C ALA A 13 -3.18 1.20 4.44
N LEU A 14 -3.34 2.51 4.68
CA LEU A 14 -3.76 2.98 6.00
C LEU A 14 -5.04 2.27 6.39
N LYS A 15 -5.87 2.01 5.39
CA LYS A 15 -7.17 1.48 5.62
C LYS A 15 -7.16 -0.04 5.54
N GLY A 16 -6.97 -0.55 4.32
CA GLY A 16 -6.97 -1.97 4.08
C GLY A 16 -5.60 -2.49 3.81
N LEU A 17 -5.06 -1.96 2.70
CA LEU A 17 -3.96 -2.55 1.99
C LEU A 17 -2.67 -2.68 2.79
N ALA A 18 -2.62 -2.22 4.02
CA ALA A 18 -1.49 -2.59 4.84
C ALA A 18 -1.54 -4.11 5.08
N LYS A 19 -2.75 -4.65 4.84
CA LYS A 19 -3.05 -6.07 4.94
C LYS A 19 -2.24 -6.86 3.94
N VAL A 20 -1.99 -6.23 2.81
CA VAL A 20 -1.20 -6.81 1.73
C VAL A 20 0.25 -6.30 1.82
N LEU A 21 0.35 -5.13 2.36
CA LEU A 21 1.59 -4.42 2.52
C LEU A 21 2.71 -5.25 3.12
N ALA A 22 2.51 -5.62 4.38
CA ALA A 22 3.54 -6.31 5.18
C ALA A 22 3.85 -7.69 4.61
N GLU A 23 3.08 -8.01 3.61
CA GLU A 23 3.02 -9.32 3.03
C GLU A 23 3.90 -9.42 1.80
N LYS A 24 3.67 -8.49 0.91
CA LYS A 24 4.36 -8.40 -0.37
C LYS A 24 5.46 -7.36 -0.33
N TYR A 25 5.03 -6.17 -0.02
CA TYR A 25 5.81 -4.97 -0.17
C TYR A 25 6.75 -4.81 1.00
N ALA A 26 6.13 -4.70 2.17
CA ALA A 26 6.85 -4.53 3.42
C ALA A 26 7.59 -5.80 3.77
N ASN A 27 7.10 -6.88 3.18
CA ASN A 27 7.74 -8.19 3.30
C ASN A 27 9.24 -8.11 3.08
N GLY A 1 4.79 8.11 -11.50
CA GLY A 1 3.82 7.65 -10.46
C GLY A 1 2.67 6.87 -11.07
N ILE A 2 2.23 5.84 -10.38
CA ILE A 2 1.14 5.00 -10.86
C ILE A 2 -0.05 5.10 -9.91
N GLY A 3 0.08 4.41 -8.80
CA GLY A 3 -0.97 4.38 -7.81
C GLY A 3 -0.84 3.14 -6.95
N GLY A 4 -1.28 2.01 -7.49
CA GLY A 4 -1.21 0.75 -6.78
C GLY A 4 0.18 0.14 -6.86
N VAL A 5 1.17 0.98 -6.65
CA VAL A 5 2.56 0.57 -6.70
C VAL A 5 3.18 0.63 -5.30
N LEU A 6 2.97 1.77 -4.64
CA LEU A 6 3.43 1.99 -3.28
C LEU A 6 2.92 3.34 -2.84
N LEU A 7 2.66 4.18 -3.84
CA LEU A 7 2.17 5.53 -3.62
C LEU A 7 0.81 5.50 -2.92
N SER A 8 -0.25 5.20 -3.68
CA SER A 8 -1.58 5.25 -3.10
C SER A 8 -1.92 3.88 -2.63
N ALA A 9 -1.12 2.95 -3.11
CA ALA A 9 -1.01 1.64 -2.51
C ALA A 9 -0.67 1.81 -1.03
N GLY A 10 -0.02 2.93 -0.71
CA GLY A 10 0.26 3.26 0.66
C GLY A 10 -0.88 4.01 1.29
N LYS A 11 -1.42 4.95 0.53
CA LYS A 11 -2.56 5.76 0.96
C LYS A 11 -3.76 4.88 1.35
N ALA A 12 -3.93 3.77 0.65
CA ALA A 12 -5.00 2.84 0.96
C ALA A 12 -4.54 1.82 1.99
N ALA A 13 -3.22 1.63 2.11
CA ALA A 13 -2.66 0.67 3.05
C ALA A 13 -2.90 1.11 4.49
N LEU A 14 -2.91 2.42 4.73
CA LEU A 14 -3.22 2.94 6.06
C LEU A 14 -4.57 2.40 6.49
N LYS A 15 -5.43 2.19 5.51
CA LYS A 15 -6.78 1.74 5.76
C LYS A 15 -6.89 0.21 5.62
N GLY A 16 -6.80 -0.26 4.38
CA GLY A 16 -6.96 -1.67 4.10
C GLY A 16 -5.66 -2.33 3.77
N LEU A 17 -5.06 -1.81 2.69
CA LEU A 17 -3.99 -2.47 1.98
C LEU A 17 -2.75 -2.72 2.80
N ALA A 18 -2.72 -2.34 4.05
CA ALA A 18 -1.67 -2.88 4.91
C ALA A 18 -1.81 -4.42 4.93
N LYS A 19 -3.00 -4.88 4.51
CA LYS A 19 -3.35 -6.27 4.38
C LYS A 19 -2.50 -6.96 3.33
N VAL A 20 -2.13 -6.20 2.30
CA VAL A 20 -1.24 -6.68 1.23
C VAL A 20 0.19 -6.25 1.53
N LEU A 21 0.26 -5.17 2.22
CA LEU A 21 1.50 -4.54 2.60
C LEU A 21 2.52 -5.48 3.19
N ALA A 22 2.19 -6.01 4.36
CA ALA A 22 3.11 -6.84 5.16
C ALA A 22 3.47 -8.12 4.45
N GLU A 23 2.86 -8.27 3.31
CA GLU A 23 2.85 -9.47 2.54
C GLU A 23 3.90 -9.40 1.46
N LYS A 24 3.79 -8.32 0.72
CA LYS A 24 4.62 -8.03 -0.42
C LYS A 24 5.70 -7.03 -0.07
N TYR A 25 5.23 -5.89 0.38
CA TYR A 25 6.01 -4.68 0.47
C TYR A 25 6.73 -4.62 1.80
N ALA A 26 5.91 -4.63 2.85
CA ALA A 26 6.41 -4.58 4.22
C ALA A 26 7.09 -5.90 4.55
N ASN A 27 6.80 -6.88 3.71
CA ASN A 27 7.42 -8.19 3.79
C ASN A 27 8.94 -8.09 3.64
N GLY A 1 4.23 9.54 -11.29
CA GLY A 1 3.34 9.00 -10.22
C GLY A 1 2.22 8.18 -10.81
N ILE A 2 1.65 7.28 -10.01
CA ILE A 2 0.62 6.39 -10.47
C ILE A 2 -0.56 6.39 -9.50
N GLY A 3 -0.35 5.73 -8.38
CA GLY A 3 -1.39 5.56 -7.41
C GLY A 3 -1.20 4.26 -6.66
N GLY A 4 -1.57 3.17 -7.31
CA GLY A 4 -1.44 1.86 -6.71
C GLY A 4 -0.06 1.29 -6.89
N VAL A 5 0.93 2.13 -6.63
CA VAL A 5 2.33 1.76 -6.77
C VAL A 5 2.97 1.62 -5.39
N LEU A 6 2.79 2.65 -4.58
CA LEU A 6 3.28 2.68 -3.20
C LEU A 6 2.79 3.97 -2.57
N LEU A 7 2.49 4.93 -3.43
CA LEU A 7 2.02 6.24 -3.02
C LEU A 7 0.65 6.14 -2.35
N SER A 8 -0.40 5.97 -3.15
CA SER A 8 -1.74 5.93 -2.59
C SER A 8 -2.10 4.50 -2.32
N ALA A 9 -1.24 3.64 -2.84
CA ALA A 9 -1.14 2.29 -2.37
C ALA A 9 -0.84 2.32 -0.88
N GLY A 10 -0.20 3.41 -0.44
CA GLY A 10 0.01 3.63 0.97
C GLY A 10 -1.18 4.33 1.58
N LYS A 11 -1.68 5.34 0.88
CA LYS A 11 -2.86 6.09 1.27
C LYS A 11 -4.09 5.20 1.43
N ALA A 12 -4.08 4.05 0.78
CA ALA A 12 -5.13 3.06 0.95
C ALA A 12 -4.71 2.00 1.96
N ALA A 13 -3.40 1.86 2.15
CA ALA A 13 -2.86 0.85 3.07
C ALA A 13 -3.31 1.09 4.49
N LEU A 14 -3.16 2.32 4.98
CA LEU A 14 -3.58 2.62 6.34
C LEU A 14 -5.07 2.34 6.56
N LYS A 15 -5.82 2.14 5.47
CA LYS A 15 -7.18 1.68 5.59
C LYS A 15 -7.25 0.17 5.43
N GLY A 16 -7.05 -0.29 4.20
CA GLY A 16 -7.10 -1.69 3.88
C GLY A 16 -5.74 -2.25 3.61
N LEU A 17 -5.14 -1.67 2.58
CA LEU A 17 -4.01 -2.24 1.88
C LEU A 17 -2.77 -2.46 2.73
N ALA A 18 -2.80 -2.12 3.99
CA ALA A 18 -1.74 -2.60 4.85
C ALA A 18 -1.80 -4.14 4.87
N LYS A 19 -2.96 -4.64 4.42
CA LYS A 19 -3.25 -6.05 4.28
C LYS A 19 -2.35 -6.69 3.24
N VAL A 20 -2.05 -5.91 2.21
CA VAL A 20 -1.17 -6.32 1.12
C VAL A 20 0.25 -5.83 1.39
N LEU A 21 0.30 -4.78 2.13
CA LEU A 21 1.51 -4.13 2.52
C LEU A 21 2.57 -5.06 3.07
N ALA A 22 2.26 -5.65 4.20
CA ALA A 22 3.21 -6.50 4.95
C ALA A 22 3.62 -7.72 4.14
N GLU A 23 2.98 -7.83 3.01
CA GLU A 23 3.04 -8.97 2.14
C GLU A 23 4.03 -8.77 1.02
N LYS A 24 3.85 -7.65 0.34
CA LYS A 24 4.62 -7.26 -0.82
C LYS A 24 5.70 -6.25 -0.47
N TYR A 25 5.24 -5.19 0.15
CA TYR A 25 6.01 -3.98 0.33
C TYR A 25 6.81 -4.07 1.60
N ALA A 26 6.07 -4.29 2.68
CA ALA A 26 6.64 -4.44 4.00
C ALA A 26 7.31 -5.80 4.11
N ASN A 27 6.98 -6.65 3.15
CA ASN A 27 7.64 -7.95 2.98
C ASN A 27 9.15 -7.84 3.11
N GLY A 1 1.72 9.78 -9.91
CA GLY A 1 0.86 8.87 -9.12
C GLY A 1 0.31 7.72 -9.94
N ILE A 2 0.70 6.50 -9.59
CA ILE A 2 0.20 5.31 -10.25
C ILE A 2 -0.83 4.64 -9.35
N GLY A 3 -0.32 3.97 -8.33
CA GLY A 3 -1.18 3.33 -7.37
C GLY A 3 -0.42 2.35 -6.51
N GLY A 4 -0.26 1.14 -7.04
CA GLY A 4 0.40 0.08 -6.30
C GLY A 4 1.91 0.18 -6.37
N VAL A 5 2.40 1.40 -6.19
CA VAL A 5 3.81 1.68 -6.27
C VAL A 5 4.34 2.13 -4.90
N LEU A 6 3.65 3.12 -4.33
CA LEU A 6 3.99 3.66 -3.01
C LEU A 6 2.97 4.72 -2.67
N LEU A 7 2.37 5.25 -3.72
CA LEU A 7 1.39 6.32 -3.61
C LEU A 7 0.15 5.84 -2.84
N SER A 8 -0.69 5.05 -3.49
CA SER A 8 -1.91 4.60 -2.85
C SER A 8 -1.65 3.26 -2.24
N ALA A 9 -0.53 2.70 -2.67
CA ALA A 9 0.13 1.62 -1.95
C ALA A 9 0.42 2.08 -0.53
N GLY A 10 0.42 3.40 -0.35
CA GLY A 10 0.47 3.95 0.98
C GLY A 10 -0.91 4.27 1.49
N LYS A 11 -1.58 5.17 0.76
CA LYS A 11 -2.91 5.66 1.10
C LYS A 11 -3.90 4.56 1.47
N ALA A 12 -4.09 3.62 0.58
CA ALA A 12 -5.07 2.58 0.79
C ALA A 12 -4.58 1.62 1.86
N ALA A 13 -3.27 1.56 2.02
CA ALA A 13 -2.67 0.60 2.96
C ALA A 13 -2.95 0.97 4.39
N LEU A 14 -2.95 2.27 4.70
CA LEU A 14 -3.28 2.71 6.06
C LEU A 14 -4.60 2.10 6.47
N LYS A 15 -5.49 1.93 5.49
CA LYS A 15 -6.81 1.45 5.75
C LYS A 15 -6.91 -0.06 5.57
N GLY A 16 -6.83 -0.50 4.31
CA GLY A 16 -6.96 -1.89 3.99
C GLY A 16 -5.66 -2.50 3.64
N LEU A 17 -5.10 -1.97 2.57
CA LEU A 17 -3.99 -2.57 1.83
C LEU A 17 -2.75 -2.80 2.67
N ALA A 18 -2.73 -2.42 3.94
CA ALA A 18 -1.65 -2.90 4.77
C ALA A 18 -1.77 -4.43 4.89
N LYS A 19 -2.97 -4.91 4.53
CA LYS A 19 -3.32 -6.32 4.46
C LYS A 19 -2.45 -7.06 3.46
N VAL A 20 -2.07 -6.34 2.44
CA VAL A 20 -1.17 -6.84 1.41
C VAL A 20 0.26 -6.36 1.70
N LEU A 21 0.31 -5.21 2.29
CA LEU A 21 1.54 -4.52 2.60
C LEU A 21 2.60 -5.37 3.27
N ALA A 22 2.30 -5.76 4.50
CA ALA A 22 3.26 -6.47 5.37
C ALA A 22 3.61 -7.83 4.80
N GLU A 23 2.91 -8.13 3.75
CA GLU A 23 2.88 -9.41 3.12
C GLU A 23 3.85 -9.49 1.97
N LYS A 24 3.69 -8.53 1.07
CA LYS A 24 4.49 -8.40 -0.12
C LYS A 24 5.57 -7.36 0.01
N TYR A 25 5.10 -6.16 0.31
CA TYR A 25 5.89 -4.96 0.24
C TYR A 25 6.75 -4.83 1.48
N ALA A 26 6.07 -4.79 2.61
CA ALA A 26 6.71 -4.67 3.91
C ALA A 26 7.37 -5.99 4.26
N ASN A 27 6.98 -7.02 3.54
CA ASN A 27 7.58 -8.34 3.63
C ASN A 27 9.10 -8.28 3.58
N GLY A 1 1.90 12.44 -8.75
CA GLY A 1 1.02 11.58 -7.94
C GLY A 1 0.27 10.57 -8.79
N ILE A 2 0.59 9.29 -8.62
CA ILE A 2 -0.03 8.24 -9.40
C ILE A 2 -1.04 7.48 -8.56
N GLY A 3 -0.54 6.59 -7.72
CA GLY A 3 -1.39 5.84 -6.86
C GLY A 3 -0.69 4.65 -6.24
N GLY A 4 -0.62 3.56 -7.00
CA GLY A 4 -0.06 2.31 -6.50
C GLY A 4 1.46 2.33 -6.48
N VAL A 5 2.01 3.52 -6.49
CA VAL A 5 3.45 3.73 -6.47
C VAL A 5 3.96 3.76 -5.04
N LEU A 6 3.26 4.52 -4.19
CA LEU A 6 3.60 4.66 -2.78
C LEU A 6 2.62 5.63 -2.16
N LEU A 7 2.01 6.42 -3.02
CA LEU A 7 1.10 7.47 -2.62
C LEU A 7 -0.19 6.87 -2.04
N SER A 8 -1.01 6.23 -2.85
CA SER A 8 -2.25 5.68 -2.34
C SER A 8 -2.02 4.23 -2.02
N ALA A 9 -0.91 3.75 -2.55
CA ALA A 9 -0.29 2.55 -2.08
C ALA A 9 0.00 2.70 -0.59
N GLY A 10 0.09 3.96 -0.14
CA GLY A 10 0.19 4.24 1.26
C GLY A 10 -1.16 4.56 1.87
N LYS A 11 -1.82 5.55 1.28
CA LYS A 11 -3.12 6.02 1.72
C LYS A 11 -4.13 4.91 1.92
N ALA A 12 -4.35 4.11 0.89
CA ALA A 12 -5.32 3.04 0.98
C ALA A 12 -4.82 1.97 1.92
N ALA A 13 -3.51 1.89 2.08
CA ALA A 13 -2.90 0.88 2.94
C ALA A 13 -3.25 1.11 4.40
N LEU A 14 -3.25 2.37 4.84
CA LEU A 14 -3.60 2.67 6.23
C LEU A 14 -4.96 2.09 6.53
N LYS A 15 -5.79 1.98 5.50
CA LYS A 15 -7.13 1.52 5.66
C LYS A 15 -7.23 0.02 5.39
N GLY A 16 -7.05 -0.35 4.13
CA GLY A 16 -7.11 -1.74 3.75
C GLY A 16 -5.75 -2.29 3.44
N LEU A 17 -5.18 -1.71 2.39
CA LEU A 17 -4.07 -2.25 1.66
C LEU A 17 -2.81 -2.49 2.48
N ALA A 18 -2.80 -2.14 3.75
CA ALA A 18 -1.68 -2.60 4.57
C ALA A 18 -1.77 -4.13 4.68
N LYS A 19 -2.97 -4.63 4.34
CA LYS A 19 -3.29 -6.03 4.31
C LYS A 19 -2.45 -6.76 3.27
N VAL A 20 -2.14 -6.03 2.23
CA VAL A 20 -1.29 -6.51 1.14
C VAL A 20 0.15 -6.02 1.36
N LEU A 21 0.22 -4.86 1.96
CA LEU A 21 1.45 -4.16 2.22
C LEU A 21 2.55 -5.02 2.82
N ALA A 22 2.32 -5.44 4.04
CA ALA A 22 3.33 -6.15 4.85
C ALA A 22 3.68 -7.49 4.23
N GLU A 23 2.94 -7.78 3.20
CA GLU A 23 2.90 -9.07 2.57
C GLU A 23 3.80 -9.13 1.36
N LYS A 24 3.60 -8.16 0.50
CA LYS A 24 4.32 -8.02 -0.75
C LYS A 24 5.42 -6.99 -0.64
N TYR A 25 5.00 -5.82 -0.25
CA TYR A 25 5.78 -4.62 -0.32
C TYR A 25 6.69 -4.53 0.89
N ALA A 26 6.05 -4.51 2.05
CA ALA A 26 6.74 -4.43 3.33
C ALA A 26 7.43 -5.74 3.63
N ASN A 27 6.99 -6.76 2.90
CA ASN A 27 7.62 -8.08 2.91
C ASN A 27 9.15 -7.97 2.80
N GLY A 1 -0.33 13.17 -8.79
CA GLY A 1 -0.36 11.90 -8.03
C GLY A 1 -0.62 10.71 -8.92
N ILE A 2 0.06 9.60 -8.66
CA ILE A 2 -0.09 8.42 -9.46
C ILE A 2 -1.12 7.49 -8.84
N GLY A 3 -0.67 6.80 -7.80
CA GLY A 3 -1.55 5.95 -7.06
C GLY A 3 -0.81 4.74 -6.52
N GLY A 4 -0.63 3.77 -7.38
CA GLY A 4 -0.03 2.51 -6.99
C GLY A 4 1.48 2.54 -7.04
N VAL A 5 2.05 3.70 -6.76
CA VAL A 5 3.48 3.87 -6.78
C VAL A 5 4.04 3.66 -5.37
N LEU A 6 3.42 4.32 -4.39
CA LEU A 6 3.77 4.20 -2.99
C LEU A 6 2.96 5.21 -2.20
N LEU A 7 2.53 6.23 -2.93
CA LEU A 7 1.81 7.35 -2.35
C LEU A 7 0.47 6.91 -1.77
N SER A 8 -0.50 6.63 -2.64
CA SER A 8 -1.84 6.28 -2.16
C SER A 8 -1.90 4.79 -2.05
N ALA A 9 -0.93 4.16 -2.69
CA ALA A 9 -0.56 2.81 -2.41
C ALA A 9 -0.28 2.68 -0.91
N GLY A 10 0.13 3.80 -0.31
CA GLY A 10 0.36 3.84 1.11
C GLY A 10 -0.88 4.28 1.86
N LYS A 11 -1.49 5.34 1.37
CA LYS A 11 -2.70 5.89 1.95
C LYS A 11 -3.83 4.89 2.04
N ALA A 12 -4.10 4.20 0.95
CA ALA A 12 -5.15 3.21 0.94
C ALA A 12 -4.76 2.05 1.84
N ALA A 13 -3.46 1.92 2.07
CA ALA A 13 -2.94 0.87 2.94
C ALA A 13 -3.29 1.17 4.39
N LEU A 14 -3.31 2.45 4.75
CA LEU A 14 -3.78 2.88 6.07
C LEU A 14 -5.10 2.23 6.38
N LYS A 15 -5.90 2.10 5.33
CA LYS A 15 -7.24 1.62 5.45
C LYS A 15 -7.31 0.12 5.23
N GLY A 16 -7.10 -0.30 3.98
CA GLY A 16 -7.19 -1.68 3.62
C GLY A 16 -5.85 -2.28 3.37
N LEU A 17 -5.19 -1.69 2.37
CA LEU A 17 -4.07 -2.29 1.68
C LEU A 17 -2.86 -2.53 2.55
N ALA A 18 -2.89 -2.16 3.81
CA ALA A 18 -1.82 -2.62 4.67
C ALA A 18 -1.90 -4.16 4.78
N LYS A 19 -3.09 -4.67 4.44
CA LYS A 19 -3.38 -6.09 4.40
C LYS A 19 -2.51 -6.80 3.39
N VAL A 20 -2.21 -6.08 2.31
CA VAL A 20 -1.36 -6.57 1.23
C VAL A 20 0.06 -6.05 1.41
N LEU A 21 0.11 -4.92 2.06
CA LEU A 21 1.34 -4.21 2.32
C LEU A 21 2.44 -5.06 2.90
N ALA A 22 2.20 -5.52 4.12
CA ALA A 22 3.20 -6.27 4.90
C ALA A 22 3.57 -7.57 4.22
N GLU A 23 2.88 -7.80 3.15
CA GLU A 23 2.88 -9.04 2.43
C GLU A 23 3.82 -8.99 1.24
N LYS A 24 3.56 -8.01 0.40
CA LYS A 24 4.28 -7.82 -0.84
C LYS A 24 5.35 -6.76 -0.71
N TYR A 25 4.91 -5.64 -0.19
CA TYR A 25 5.66 -4.41 -0.21
C TYR A 25 6.58 -4.38 0.97
N ALA A 26 5.97 -4.48 2.14
CA ALA A 26 6.69 -4.49 3.40
C ALA A 26 7.47 -5.79 3.53
N ASN A 27 7.06 -6.76 2.70
CA ASN A 27 7.77 -8.02 2.54
C ASN A 27 9.28 -7.81 2.41
#